data_2Q9H
#
_entry.id   2Q9H
#
_cell.length_a   100.910
_cell.length_b   114.047
_cell.length_c   66.777
_cell.angle_alpha   90.00
_cell.angle_beta   90.00
_cell.angle_gamma   90.00
#
_symmetry.space_group_name_H-M   'C 2 2 21'
#
loop_
_entity.id
_entity.type
_entity.pdbx_description
1 polymer 'Diaminopimelate epimerase'
2 non-polymer 'L(+)-TARTARIC ACID'
3 non-polymer 'ACETIC ACID'
4 water water
#
_entity_poly.entity_id   1
_entity_poly.type   'polypeptide(L)'
_entity_poly.pdbx_seq_one_letter_code
;MQFSKMHGLGNDFVVVDGVTQNVFFTPETIRRLANRHCGIGFDQLLIVEAPYDPELDFHYRIFNADGSEVSQSGNGARCF
ARFVTLKGLTNKKDISVSTQKGNMVLTVKDDNQIRVNMGEPIWEPAKIPFTANKFEKNYILRTDIQTVLCGAVSMGNPHC
VVQVDDIQTANVEQLGPLLESHERFPERVNAGFMQIINKEHIKLRVYERGAGETQACGSGACAAVAVGIMQGLLNNNVQV
DLPGGSLMIEWNGVGHPLYMTGEATHIYDGFITL
;
_entity_poly.pdbx_strand_id   A
#
loop_
_chem_comp.id
_chem_comp.type
_chem_comp.name
_chem_comp.formula
ACY non-polymer 'ACETIC ACID' 'C2 H4 O2'
TLA non-polymer 'L(+)-TARTARIC ACID' 'C4 H6 O6'
#
# COMPACT_ATOMS: atom_id res chain seq x y z
N MET A 1 28.90 1.17 2.88
CA MET A 1 27.50 1.68 2.99
C MET A 1 26.73 0.97 4.09
N GLN A 2 25.97 1.74 4.87
CA GLN A 2 25.17 1.18 5.94
C GLN A 2 23.74 0.96 5.45
N PHE A 3 23.06 -0.03 6.01
CA PHE A 3 21.67 -0.30 5.67
C PHE A 3 21.03 -1.04 6.84
N SER A 4 19.70 -1.09 6.84
CA SER A 4 18.97 -1.78 7.88
C SER A 4 18.01 -2.76 7.21
N LYS A 5 17.72 -3.87 7.87
CA LYS A 5 16.80 -4.85 7.33
C LYS A 5 15.57 -4.73 8.20
N MET A 6 14.41 -4.67 7.57
CA MET A 6 13.16 -4.53 8.30
C MET A 6 12.09 -5.34 7.59
N HIS A 7 10.93 -5.49 8.23
CA HIS A 7 9.83 -6.21 7.61
C HIS A 7 8.50 -5.67 8.11
N GLY A 8 7.49 -5.78 7.26
CA GLY A 8 6.15 -5.33 7.62
C GLY A 8 5.13 -6.13 6.85
N LEU A 9 4.30 -6.90 7.54
CA LEU A 9 3.26 -7.71 6.91
C LEU A 9 3.64 -8.35 5.57
N GLY A 10 4.20 -9.55 5.62
CA GLY A 10 4.56 -10.24 4.39
C GLY A 10 5.75 -9.77 3.57
N ASN A 11 6.20 -8.53 3.73
CA ASN A 11 7.36 -8.03 2.98
C ASN A 11 8.56 -7.65 3.82
N ASP A 12 9.75 -7.98 3.32
CA ASP A 12 10.99 -7.65 4.02
C ASP A 12 11.79 -6.66 3.17
N PHE A 13 12.14 -5.52 3.77
CA PHE A 13 12.87 -4.48 3.05
C PHE A 13 14.29 -4.27 3.55
N VAL A 14 15.09 -3.67 2.67
CA VAL A 14 16.43 -3.25 2.99
C VAL A 14 16.15 -1.74 2.93
N VAL A 15 16.46 -1.03 3.99
CA VAL A 15 16.23 0.40 4.05
C VAL A 15 17.55 1.11 4.12
N VAL A 16 17.73 2.14 3.31
CA VAL A 16 18.98 2.86 3.27
C VAL A 16 18.83 4.36 3.49
N ASP A 17 19.74 4.92 4.29
CA ASP A 17 19.74 6.35 4.56
C ASP A 17 20.39 7.02 3.36
N GLY A 18 19.56 7.51 2.45
CA GLY A 18 20.10 8.19 1.27
C GLY A 18 20.14 9.70 1.47
N VAL A 19 20.06 10.12 2.73
CA VAL A 19 20.09 11.53 3.09
C VAL A 19 21.50 11.96 3.44
N THR A 20 22.09 11.28 4.42
CA THR A 20 23.44 11.56 4.86
C THR A 20 24.42 10.68 4.08
N GLN A 21 23.90 9.97 3.07
CA GLN A 21 24.73 9.12 2.23
C GLN A 21 24.25 9.29 0.79
N ASN A 22 25.20 9.34 -0.14
CA ASN A 22 24.84 9.46 -1.56
C ASN A 22 24.79 8.04 -2.07
N VAL A 23 23.59 7.55 -2.35
CA VAL A 23 23.45 6.18 -2.82
C VAL A 23 22.85 6.06 -4.20
N PHE A 24 23.37 5.09 -4.95
CA PHE A 24 22.88 4.80 -6.29
C PHE A 24 23.07 3.33 -6.57
N PHE A 25 22.07 2.74 -7.20
CA PHE A 25 22.11 1.33 -7.54
C PHE A 25 21.60 1.09 -8.94
N THR A 26 22.42 0.46 -9.79
CA THR A 26 21.98 0.16 -11.14
C THR A 26 20.91 -0.92 -10.93
N PRO A 27 19.95 -1.04 -11.85
CA PRO A 27 18.92 -2.08 -11.68
C PRO A 27 19.58 -3.44 -11.48
N GLU A 28 20.78 -3.59 -12.04
CA GLU A 28 21.54 -4.82 -11.94
C GLU A 28 21.99 -5.06 -10.51
N THR A 29 22.63 -4.06 -9.93
CA THR A 29 23.11 -4.15 -8.56
C THR A 29 21.96 -4.50 -7.61
N ILE A 30 20.80 -3.89 -7.84
CA ILE A 30 19.65 -4.15 -6.99
C ILE A 30 19.26 -5.62 -7.07
N ARG A 31 19.21 -6.16 -8.29
CA ARG A 31 18.86 -7.55 -8.49
C ARG A 31 19.85 -8.47 -7.75
N ARG A 32 21.12 -8.08 -7.76
CA ARG A 32 22.14 -8.87 -7.10
C ARG A 32 21.91 -8.86 -5.59
N LEU A 33 21.70 -7.67 -5.04
CA LEU A 33 21.48 -7.51 -3.61
C LEU A 33 20.19 -8.16 -3.12
N ALA A 34 19.16 -8.17 -3.97
CA ALA A 34 17.89 -8.78 -3.58
C ALA A 34 17.96 -10.30 -3.54
N ASN A 35 18.90 -10.88 -4.29
CA ASN A 35 19.06 -12.34 -4.33
C ASN A 35 19.27 -12.88 -2.90
N ARG A 36 18.44 -13.84 -2.51
CA ARG A 36 18.54 -14.38 -1.16
C ARG A 36 19.68 -15.35 -0.93
N HIS A 37 20.24 -15.87 -2.01
CA HIS A 37 21.34 -16.81 -1.87
C HIS A 37 22.71 -16.16 -2.03
N CYS A 38 22.81 -15.16 -2.92
CA CYS A 38 24.08 -14.48 -3.17
C CYS A 38 24.13 -13.04 -2.68
N GLY A 39 22.98 -12.48 -2.30
CA GLY A 39 22.94 -11.11 -1.82
C GLY A 39 22.41 -10.95 -0.41
N ILE A 40 21.84 -9.78 -0.12
CA ILE A 40 21.26 -9.51 1.18
C ILE A 40 19.95 -10.25 1.33
N GLY A 41 19.13 -10.22 0.28
CA GLY A 41 17.83 -10.87 0.33
C GLY A 41 16.75 -9.91 0.80
N PHE A 42 15.78 -9.62 -0.06
CA PHE A 42 14.68 -8.71 0.27
C PHE A 42 13.65 -8.60 -0.86
N ASP A 43 12.41 -8.28 -0.51
CA ASP A 43 11.35 -8.11 -1.50
C ASP A 43 11.52 -6.75 -2.18
N GLN A 44 11.76 -5.71 -1.38
CA GLN A 44 11.92 -4.37 -1.91
C GLN A 44 13.01 -3.56 -1.24
N LEU A 45 13.51 -2.56 -1.95
CA LEU A 45 14.55 -1.67 -1.46
C LEU A 45 13.94 -0.30 -1.25
N LEU A 46 14.20 0.29 -0.08
CA LEU A 46 13.65 1.60 0.24
C LEU A 46 14.77 2.58 0.57
N ILE A 47 14.81 3.68 -0.19
CA ILE A 47 15.83 4.69 0.03
C ILE A 47 15.19 5.97 0.56
N VAL A 48 15.67 6.41 1.72
CA VAL A 48 15.17 7.63 2.34
C VAL A 48 16.02 8.76 1.76
N GLU A 49 15.38 9.76 1.16
CA GLU A 49 16.10 10.88 0.55
C GLU A 49 15.60 12.24 0.98
N ALA A 50 16.36 13.27 0.61
CA ALA A 50 16.00 14.65 0.91
C ALA A 50 14.74 14.96 0.09
N PRO A 51 13.84 15.78 0.63
CA PRO A 51 12.62 16.09 -0.13
C PRO A 51 12.72 17.23 -1.16
N TYR A 52 13.71 18.10 -1.00
CA TYR A 52 13.87 19.25 -1.91
C TYR A 52 12.52 19.95 -1.90
N ASP A 53 12.07 20.26 -0.68
CA ASP A 53 10.79 20.91 -0.44
C ASP A 53 10.78 21.27 1.05
N PRO A 54 10.84 22.58 1.36
CA PRO A 54 10.83 23.08 2.74
C PRO A 54 9.61 22.69 3.56
N GLU A 55 8.56 22.21 2.90
CA GLU A 55 7.34 21.81 3.61
C GLU A 55 7.25 20.33 3.95
N LEU A 56 8.23 19.54 3.50
CA LEU A 56 8.25 18.11 3.78
C LEU A 56 9.50 17.75 4.57
N ASP A 57 9.45 16.63 5.28
CA ASP A 57 10.58 16.17 6.07
C ASP A 57 11.47 15.22 5.26
N PHE A 58 10.84 14.36 4.47
CA PHE A 58 11.58 13.38 3.71
C PHE A 58 10.85 12.99 2.44
N HIS A 59 11.55 12.19 1.67
CA HIS A 59 11.06 11.62 0.44
C HIS A 59 11.64 10.21 0.48
N TYR A 60 11.03 9.27 -0.23
CA TYR A 60 11.59 7.93 -0.28
C TYR A 60 11.14 7.20 -1.52
N ARG A 61 12.05 6.42 -2.08
CA ARG A 61 11.74 5.65 -3.28
C ARG A 61 11.78 4.19 -2.93
N ILE A 62 11.02 3.40 -3.68
CA ILE A 62 10.96 1.97 -3.48
C ILE A 62 11.32 1.28 -4.79
N PHE A 63 12.14 0.24 -4.69
CA PHE A 63 12.54 -0.52 -5.86
C PHE A 63 12.19 -1.99 -5.63
N ASN A 64 11.69 -2.67 -6.66
CA ASN A 64 11.36 -4.07 -6.50
C ASN A 64 12.62 -4.89 -6.78
N ALA A 65 12.52 -6.20 -6.58
CA ALA A 65 13.64 -7.10 -6.77
C ALA A 65 14.21 -7.06 -8.19
N ASP A 66 13.40 -6.58 -9.13
CA ASP A 66 13.82 -6.47 -10.53
C ASP A 66 14.70 -5.26 -10.79
N GLY A 67 14.81 -4.38 -9.78
CA GLY A 67 15.62 -3.19 -9.93
C GLY A 67 14.87 -1.98 -10.48
N SER A 68 13.55 -2.09 -10.58
CA SER A 68 12.73 -1.00 -11.11
C SER A 68 12.12 -0.18 -9.99
N GLU A 69 12.05 1.13 -10.17
CA GLU A 69 11.42 1.96 -9.15
C GLU A 69 9.93 1.74 -9.26
N VAL A 70 9.24 1.74 -8.14
CA VAL A 70 7.80 1.51 -8.14
C VAL A 70 7.05 2.52 -7.29
N SER A 71 5.76 2.69 -7.56
CA SER A 71 4.93 3.62 -6.82
C SER A 71 3.65 2.93 -6.35
N GLN A 72 3.64 2.54 -5.08
CA GLN A 72 2.47 1.88 -4.52
C GLN A 72 2.05 2.66 -3.29
N SER A 73 0.96 3.41 -3.41
CA SER A 73 0.44 4.23 -2.32
C SER A 73 0.52 3.57 -0.93
N GLY A 74 1.32 4.15 -0.05
CA GLY A 74 1.44 3.64 1.30
C GLY A 74 2.46 2.54 1.57
N ASN A 75 2.89 1.85 0.52
CA ASN A 75 3.85 0.76 0.68
C ASN A 75 5.18 1.25 1.26
N GLY A 76 5.69 0.52 2.25
CA GLY A 76 6.94 0.86 2.88
C GLY A 76 6.87 2.05 3.81
N ALA A 77 5.69 2.66 3.93
CA ALA A 77 5.54 3.84 4.78
C ALA A 77 5.88 3.59 6.24
N ARG A 78 5.41 2.48 6.78
CA ARG A 78 5.64 2.16 8.18
C ARG A 78 7.09 1.84 8.48
N CYS A 79 7.74 1.07 7.61
CA CYS A 79 9.15 0.75 7.81
C CYS A 79 9.97 2.03 7.71
N PHE A 80 9.55 2.91 6.80
CA PHE A 80 10.25 4.17 6.63
C PHE A 80 10.15 5.02 7.90
N ALA A 81 8.96 5.12 8.45
CA ALA A 81 8.74 5.91 9.65
C ALA A 81 9.55 5.39 10.84
N ARG A 82 9.60 4.08 11.03
CA ARG A 82 10.36 3.53 12.15
C ARG A 82 11.87 3.70 11.94
N PHE A 83 12.31 3.60 10.69
CA PHE A 83 13.72 3.73 10.36
C PHE A 83 14.24 5.14 10.67
N VAL A 84 13.56 6.17 10.16
CA VAL A 84 14.01 7.52 10.42
C VAL A 84 13.98 7.84 11.92
N THR A 85 13.05 7.21 12.64
CA THR A 85 12.96 7.45 14.08
C THR A 85 14.15 6.78 14.77
N LEU A 86 14.28 5.47 14.59
CA LEU A 86 15.37 4.72 15.19
C LEU A 86 16.75 5.30 14.91
N LYS A 87 16.98 5.72 13.66
CA LYS A 87 18.26 6.28 13.27
C LYS A 87 18.47 7.74 13.65
N GLY A 88 17.49 8.34 14.31
CA GLY A 88 17.63 9.74 14.71
C GLY A 88 17.64 10.75 13.57
N LEU A 89 17.11 10.37 12.41
CA LEU A 89 17.05 11.30 11.28
C LEU A 89 15.98 12.35 11.54
N THR A 90 15.14 12.08 12.53
CA THR A 90 14.08 13.00 12.93
C THR A 90 13.59 12.56 14.30
N ASN A 91 12.89 13.44 15.00
CA ASN A 91 12.37 13.11 16.33
C ASN A 91 10.91 13.54 16.47
N LYS A 92 10.32 14.02 15.38
CA LYS A 92 8.93 14.46 15.39
C LYS A 92 8.01 13.25 15.52
N LYS A 93 6.78 13.49 15.96
CA LYS A 93 5.81 12.41 16.07
C LYS A 93 5.06 12.33 14.74
N ASP A 94 4.86 13.49 14.11
CA ASP A 94 4.19 13.52 12.81
C ASP A 94 5.22 13.87 11.75
N ILE A 95 5.38 12.97 10.79
CA ILE A 95 6.36 13.13 9.73
C ILE A 95 5.72 13.27 8.35
N SER A 96 6.08 14.34 7.65
CA SER A 96 5.55 14.57 6.32
C SER A 96 6.53 13.99 5.33
N VAL A 97 6.04 13.14 4.43
CA VAL A 97 6.90 12.51 3.47
C VAL A 97 6.22 12.40 2.11
N SER A 98 7.02 12.49 1.06
CA SER A 98 6.49 12.37 -0.29
C SER A 98 7.04 11.10 -0.91
N THR A 99 6.24 10.49 -1.76
CA THR A 99 6.65 9.30 -2.48
C THR A 99 6.58 9.69 -3.95
N GLN A 100 6.99 8.80 -4.81
CA GLN A 100 6.97 9.09 -6.23
C GLN A 100 5.61 9.61 -6.67
N LYS A 101 4.54 9.03 -6.13
CA LYS A 101 3.18 9.40 -6.49
C LYS A 101 2.56 10.56 -5.71
N GLY A 102 2.48 10.44 -4.38
CA GLY A 102 1.89 11.50 -3.58
C GLY A 102 2.58 11.85 -2.29
N ASN A 103 1.79 12.37 -1.35
CA ASN A 103 2.29 12.76 -0.03
C ASN A 103 1.55 12.01 1.06
N MET A 104 2.12 12.01 2.26
CA MET A 104 1.52 11.36 3.41
C MET A 104 2.05 12.00 4.67
N VAL A 105 1.35 11.77 5.76
CA VAL A 105 1.76 12.26 7.06
C VAL A 105 1.73 11.00 7.90
N LEU A 106 2.83 10.69 8.54
CA LEU A 106 2.93 9.49 9.36
C LEU A 106 2.99 9.87 10.82
N THR A 107 2.39 9.04 11.67
CA THR A 107 2.43 9.28 13.09
C THR A 107 2.97 8.05 13.77
N VAL A 108 3.99 8.24 14.61
CA VAL A 108 4.55 7.12 15.34
C VAL A 108 3.76 7.07 16.64
N LYS A 109 2.86 6.10 16.73
CA LYS A 109 2.00 5.94 17.90
C LYS A 109 2.79 5.56 19.15
N ASP A 110 2.19 5.86 20.30
CA ASP A 110 2.80 5.56 21.59
C ASP A 110 2.99 4.05 21.78
N ASP A 111 2.13 3.25 21.15
CA ASP A 111 2.22 1.80 21.25
C ASP A 111 3.30 1.25 20.31
N ASN A 112 3.98 2.16 19.62
CA ASN A 112 5.05 1.82 18.69
C ASN A 112 4.57 1.39 17.29
N GLN A 113 3.29 1.62 17.01
CA GLN A 113 2.76 1.27 15.69
C GLN A 113 2.79 2.54 14.87
N ILE A 114 2.64 2.40 13.55
CA ILE A 114 2.67 3.55 12.68
C ILE A 114 1.28 3.81 12.09
N ARG A 115 0.80 5.04 12.26
CA ARG A 115 -0.49 5.43 11.75
C ARG A 115 -0.26 6.32 10.53
N VAL A 116 -0.75 5.86 9.38
CA VAL A 116 -0.58 6.60 8.14
C VAL A 116 -1.83 7.34 7.68
N ASN A 117 -1.69 8.65 7.46
CA ASN A 117 -2.82 9.44 6.99
C ASN A 117 -2.83 9.32 5.46
N MET A 118 -3.72 8.48 4.95
CA MET A 118 -3.83 8.25 3.52
C MET A 118 -4.67 9.31 2.79
N GLY A 119 -5.14 10.31 3.52
CA GLY A 119 -5.96 11.34 2.90
C GLY A 119 -7.41 10.90 2.66
N GLU A 120 -8.19 11.76 2.04
CA GLU A 120 -9.59 11.43 1.80
C GLU A 120 -9.83 10.54 0.58
N PRO A 121 -10.64 9.49 0.75
CA PRO A 121 -10.94 8.57 -0.36
C PRO A 121 -11.61 9.36 -1.49
N ILE A 122 -11.27 9.04 -2.73
CA ILE A 122 -11.85 9.75 -3.88
C ILE A 122 -12.91 8.88 -4.55
N TRP A 123 -14.15 9.40 -4.58
CA TRP A 123 -15.28 8.68 -5.14
C TRP A 123 -15.71 9.01 -6.57
N GLU A 124 -15.57 10.28 -6.96
CA GLU A 124 -15.95 10.71 -8.31
C GLU A 124 -15.33 9.75 -9.33
N PRO A 125 -16.16 9.11 -10.16
CA PRO A 125 -15.66 8.17 -11.17
C PRO A 125 -14.50 8.70 -12.02
N ALA A 126 -14.71 9.86 -12.65
CA ALA A 126 -13.69 10.47 -13.51
C ALA A 126 -12.34 10.67 -12.84
N LYS A 127 -12.36 10.92 -11.53
CA LYS A 127 -11.11 11.16 -10.81
C LYS A 127 -10.41 9.91 -10.29
N ILE A 128 -10.99 8.75 -10.55
CA ILE A 128 -10.39 7.51 -10.06
C ILE A 128 -9.14 7.05 -10.81
N PRO A 129 -9.20 6.91 -12.15
CA PRO A 129 -10.30 7.14 -13.09
C PRO A 129 -11.07 5.84 -13.39
N PHE A 130 -12.37 6.00 -13.60
CA PHE A 130 -13.25 4.88 -13.86
C PHE A 130 -14.38 5.39 -14.73
N THR A 131 -14.62 4.72 -15.85
CA THR A 131 -15.68 5.12 -16.78
C THR A 131 -17.06 4.70 -16.30
N ALA A 132 -17.87 5.69 -15.94
CA ALA A 132 -19.24 5.44 -15.47
C ALA A 132 -20.04 6.73 -15.57
N ASN A 133 -21.35 6.61 -15.79
CA ASN A 133 -22.19 7.80 -15.91
C ASN A 133 -22.18 8.66 -14.65
N LYS A 134 -22.33 8.03 -13.50
CA LYS A 134 -22.32 8.76 -12.25
C LYS A 134 -21.86 7.87 -11.10
N PHE A 135 -21.76 8.46 -9.91
CA PHE A 135 -21.36 7.72 -8.74
C PHE A 135 -22.42 6.68 -8.37
N GLU A 136 -21.96 5.55 -7.85
CA GLU A 136 -22.84 4.47 -7.40
C GLU A 136 -22.11 3.77 -6.28
N LYS A 137 -22.86 3.25 -5.31
CA LYS A 137 -22.27 2.53 -4.20
C LYS A 137 -21.84 1.16 -4.72
N ASN A 138 -22.57 0.67 -5.73
CA ASN A 138 -22.29 -0.62 -6.35
C ASN A 138 -22.39 -0.48 -7.88
N TYR A 139 -21.29 -0.74 -8.58
CA TYR A 139 -21.27 -0.65 -10.02
C TYR A 139 -21.36 -2.03 -10.65
N ILE A 140 -22.01 -2.13 -11.80
CA ILE A 140 -22.15 -3.38 -12.51
C ILE A 140 -21.03 -3.49 -13.55
N LEU A 141 -20.13 -4.43 -13.36
CA LEU A 141 -19.01 -4.62 -14.28
C LEU A 141 -19.07 -5.97 -14.96
N ARG A 142 -19.08 -5.93 -16.29
CA ARG A 142 -19.14 -7.14 -17.08
C ARG A 142 -17.76 -7.66 -17.45
N THR A 143 -17.56 -8.97 -17.29
CA THR A 143 -16.30 -9.60 -17.67
C THR A 143 -16.69 -10.82 -18.52
N ASP A 144 -15.74 -11.34 -19.29
CA ASP A 144 -15.99 -12.49 -20.15
C ASP A 144 -16.72 -13.66 -19.50
N ILE A 145 -16.55 -13.82 -18.19
CA ILE A 145 -17.15 -14.97 -17.53
C ILE A 145 -18.18 -14.71 -16.43
N GLN A 146 -18.37 -13.45 -16.06
CA GLN A 146 -19.29 -13.15 -14.99
C GLN A 146 -19.50 -11.65 -14.86
N THR A 147 -20.69 -11.25 -14.41
CA THR A 147 -20.95 -9.85 -14.20
C THR A 147 -20.80 -9.69 -12.70
N VAL A 148 -19.95 -8.76 -12.27
CA VAL A 148 -19.73 -8.55 -10.84
C VAL A 148 -20.18 -7.18 -10.37
N LEU A 149 -20.47 -7.09 -9.07
CA LEU A 149 -20.85 -5.83 -8.45
C LEU A 149 -19.61 -5.39 -7.71
N CYS A 150 -19.29 -4.11 -7.76
CA CYS A 150 -18.11 -3.65 -7.06
C CYS A 150 -18.23 -2.20 -6.66
N GLY A 151 -17.40 -1.83 -5.69
CA GLY A 151 -17.34 -0.46 -5.26
C GLY A 151 -16.07 0.01 -5.97
N ALA A 152 -15.99 1.28 -6.34
CA ALA A 152 -14.79 1.77 -6.99
C ALA A 152 -14.35 3.01 -6.23
N VAL A 153 -13.06 3.15 -5.99
CA VAL A 153 -12.58 4.31 -5.24
C VAL A 153 -11.08 4.52 -5.45
N SER A 154 -10.61 5.71 -5.11
CA SER A 154 -9.18 6.01 -5.23
C SER A 154 -8.56 6.51 -3.93
N MET A 155 -7.40 5.95 -3.60
CA MET A 155 -6.64 6.33 -2.41
C MET A 155 -5.34 6.91 -2.98
N GLY A 156 -5.45 7.47 -4.17
CA GLY A 156 -4.31 8.00 -4.88
C GLY A 156 -4.18 7.12 -6.10
N ASN A 157 -4.30 5.81 -5.86
CA ASN A 157 -4.24 4.80 -6.91
C ASN A 157 -5.67 4.23 -7.06
N PRO A 158 -6.01 3.71 -8.25
CA PRO A 158 -7.34 3.16 -8.52
C PRO A 158 -7.66 1.82 -7.86
N HIS A 159 -8.90 1.67 -7.41
CA HIS A 159 -9.32 0.45 -6.75
C HIS A 159 -10.71 -0.03 -7.15
N CYS A 160 -10.84 -1.34 -7.21
CA CYS A 160 -12.09 -2.01 -7.56
C CYS A 160 -12.29 -3.01 -6.42
N VAL A 161 -13.38 -2.89 -5.67
CA VAL A 161 -13.62 -3.80 -4.55
C VAL A 161 -14.84 -4.69 -4.74
N VAL A 162 -14.59 -5.99 -4.81
CA VAL A 162 -15.63 -7.00 -4.99
C VAL A 162 -15.79 -7.80 -3.71
N GLN A 163 -17.02 -7.99 -3.26
CA GLN A 163 -17.26 -8.76 -2.04
C GLN A 163 -17.44 -10.23 -2.40
N VAL A 164 -16.85 -11.11 -1.60
CA VAL A 164 -16.91 -12.54 -1.87
C VAL A 164 -17.35 -13.31 -0.62
N ASP A 165 -17.95 -14.49 -0.82
CA ASP A 165 -18.41 -15.31 0.28
C ASP A 165 -17.28 -15.96 1.07
N ASP A 166 -16.31 -16.54 0.35
CA ASP A 166 -15.17 -17.22 0.97
C ASP A 166 -13.87 -16.75 0.31
N ILE A 167 -13.09 -15.99 1.06
CA ILE A 167 -11.84 -15.43 0.55
C ILE A 167 -10.87 -16.44 -0.07
N GLN A 168 -10.86 -17.67 0.41
CA GLN A 168 -9.95 -18.70 -0.10
C GLN A 168 -10.34 -19.28 -1.45
N THR A 169 -11.64 -19.37 -1.71
CA THR A 169 -12.13 -19.91 -2.97
C THR A 169 -12.56 -18.85 -3.97
N ALA A 170 -12.38 -17.58 -3.64
CA ALA A 170 -12.75 -16.51 -4.56
C ALA A 170 -11.92 -16.65 -5.84
N ASN A 171 -12.55 -16.44 -6.99
CA ASN A 171 -11.86 -16.59 -8.26
C ASN A 171 -10.93 -15.42 -8.59
N VAL A 172 -9.95 -15.20 -7.73
CA VAL A 172 -8.97 -14.13 -7.93
C VAL A 172 -8.15 -14.41 -9.19
N GLU A 173 -7.75 -15.67 -9.35
CA GLU A 173 -6.96 -16.10 -10.50
C GLU A 173 -7.51 -15.62 -11.85
N GLN A 174 -8.81 -15.78 -12.06
CA GLN A 174 -9.43 -15.35 -13.32
C GLN A 174 -10.07 -13.97 -13.33
N LEU A 175 -10.74 -13.60 -12.24
CA LEU A 175 -11.38 -12.29 -12.17
C LEU A 175 -10.36 -11.17 -11.97
N GLY A 176 -9.31 -11.46 -11.21
CA GLY A 176 -8.28 -10.47 -10.95
C GLY A 176 -7.79 -9.84 -12.24
N PRO A 177 -7.23 -10.64 -13.16
CA PRO A 177 -6.72 -10.14 -14.45
C PRO A 177 -7.80 -9.42 -15.26
N LEU A 178 -8.99 -10.00 -15.31
CA LEU A 178 -10.09 -9.43 -16.06
C LEU A 178 -10.49 -8.06 -15.52
N LEU A 179 -10.41 -7.89 -14.19
CA LEU A 179 -10.77 -6.61 -13.60
C LEU A 179 -9.61 -5.63 -13.69
N GLU A 180 -8.43 -6.10 -13.29
CA GLU A 180 -7.20 -5.31 -13.28
C GLU A 180 -6.96 -4.59 -14.61
N SER A 181 -7.32 -5.23 -15.72
CA SER A 181 -7.12 -4.62 -17.02
C SER A 181 -8.44 -4.41 -17.76
N HIS A 182 -9.50 -4.16 -17.02
CA HIS A 182 -10.81 -3.93 -17.62
C HIS A 182 -10.82 -2.59 -18.32
N GLU A 183 -11.49 -2.55 -19.47
CA GLU A 183 -11.57 -1.33 -20.29
C GLU A 183 -12.11 -0.11 -19.56
N ARG A 184 -13.09 -0.30 -18.69
CA ARG A 184 -13.69 0.80 -17.97
C ARG A 184 -12.76 1.46 -16.95
N PHE A 185 -11.57 0.89 -16.80
CA PHE A 185 -10.56 1.44 -15.89
C PHE A 185 -9.36 1.89 -16.74
N PRO A 186 -9.50 3.06 -17.38
CA PRO A 186 -8.49 3.68 -18.26
C PRO A 186 -7.04 3.41 -17.88
N GLU A 187 -6.68 3.66 -16.62
CA GLU A 187 -5.32 3.46 -16.17
C GLU A 187 -5.10 2.15 -15.42
N ARG A 188 -6.00 1.20 -15.63
CA ARG A 188 -5.95 -0.12 -14.98
C ARG A 188 -6.45 0.02 -13.54
N VAL A 189 -6.49 -1.08 -12.79
CA VAL A 189 -7.01 -1.02 -11.43
C VAL A 189 -6.50 -2.11 -10.50
N ASN A 190 -6.52 -1.82 -9.20
CA ASN A 190 -6.14 -2.80 -8.19
C ASN A 190 -7.47 -3.48 -7.87
N ALA A 191 -7.55 -4.80 -8.08
CA ALA A 191 -8.79 -5.53 -7.82
C ALA A 191 -8.79 -6.22 -6.47
N GLY A 192 -9.65 -5.75 -5.58
CA GLY A 192 -9.73 -6.33 -4.25
C GLY A 192 -10.91 -7.28 -4.05
N PHE A 193 -10.66 -8.38 -3.34
CA PHE A 193 -11.70 -9.37 -3.05
C PHE A 193 -11.83 -9.38 -1.55
N MET A 194 -13.00 -8.92 -1.09
CA MET A 194 -13.25 -8.80 0.33
C MET A 194 -14.32 -9.70 0.92
N GLN A 195 -13.96 -10.42 1.97
CA GLN A 195 -14.91 -11.27 2.68
C GLN A 195 -15.18 -10.56 4.00
N ILE A 196 -16.42 -10.14 4.20
CA ILE A 196 -16.76 -9.46 5.44
C ILE A 196 -17.11 -10.48 6.52
N ILE A 197 -16.32 -10.51 7.59
CA ILE A 197 -16.54 -11.41 8.72
C ILE A 197 -17.58 -10.79 9.65
N ASN A 198 -17.42 -9.50 9.92
CA ASN A 198 -18.38 -8.73 10.72
C ASN A 198 -18.12 -7.25 10.42
N LYS A 199 -18.88 -6.35 11.02
CA LYS A 199 -18.71 -4.93 10.72
C LYS A 199 -17.37 -4.32 11.08
N GLU A 200 -16.56 -5.04 11.85
CA GLU A 200 -15.25 -4.50 12.21
C GLU A 200 -14.12 -5.45 11.84
N HIS A 201 -14.37 -6.37 10.92
CA HIS A 201 -13.35 -7.32 10.53
C HIS A 201 -13.57 -7.89 9.12
N ILE A 202 -12.52 -7.86 8.31
CA ILE A 202 -12.63 -8.39 6.95
C ILE A 202 -11.37 -9.12 6.59
N LYS A 203 -11.45 -9.95 5.56
CA LYS A 203 -10.31 -10.69 5.05
C LYS A 203 -10.22 -10.19 3.62
N LEU A 204 -9.01 -9.86 3.19
CA LEU A 204 -8.84 -9.31 1.86
C LEU A 204 -7.73 -9.94 1.04
N ARG A 205 -7.93 -9.96 -0.28
CA ARG A 205 -6.96 -10.47 -1.24
C ARG A 205 -6.98 -9.45 -2.37
N VAL A 206 -5.79 -9.02 -2.80
CA VAL A 206 -5.73 -8.02 -3.85
C VAL A 206 -4.91 -8.47 -5.04
N TYR A 207 -5.42 -8.16 -6.22
CA TYR A 207 -4.72 -8.47 -7.46
C TYR A 207 -4.24 -7.08 -7.88
N GLU A 208 -3.03 -6.74 -7.43
CA GLU A 208 -2.43 -5.44 -7.69
C GLU A 208 -2.20 -5.09 -9.15
N ARG A 209 -2.49 -3.85 -9.48
CA ARG A 209 -2.30 -3.34 -10.82
C ARG A 209 -0.88 -3.65 -11.32
N GLY A 210 -0.82 -4.38 -12.44
CA GLY A 210 0.45 -4.73 -13.03
C GLY A 210 1.35 -5.71 -12.29
N ALA A 211 0.95 -6.13 -11.09
CA ALA A 211 1.79 -7.06 -10.34
C ALA A 211 1.08 -8.32 -9.89
N GLY A 212 -0.25 -8.29 -9.91
CA GLY A 212 -0.99 -9.47 -9.48
C GLY A 212 -1.11 -9.51 -7.97
N GLU A 213 -1.41 -10.70 -7.45
CA GLU A 213 -1.60 -10.88 -6.03
C GLU A 213 -0.33 -11.07 -5.21
N THR A 214 -0.21 -10.32 -4.12
CA THR A 214 0.95 -10.42 -3.23
C THR A 214 0.50 -10.67 -1.79
N GLN A 215 1.44 -10.61 -0.85
CA GLN A 215 1.17 -10.83 0.56
C GLN A 215 0.42 -9.71 1.27
N ALA A 216 0.47 -8.50 0.72
CA ALA A 216 -0.22 -7.38 1.36
C ALA A 216 -0.19 -6.11 0.54
N CYS A 217 -1.36 -5.51 0.38
CA CYS A 217 -1.51 -4.26 -0.36
C CYS A 217 -2.25 -3.27 0.53
N GLY A 218 -1.48 -2.47 1.26
CA GLY A 218 -2.06 -1.49 2.18
C GLY A 218 -3.14 -0.60 1.58
N SER A 219 -2.83 0.08 0.47
CA SER A 219 -3.80 0.95 -0.16
C SER A 219 -5.06 0.16 -0.49
N GLY A 220 -4.88 -1.15 -0.70
CA GLY A 220 -6.00 -2.02 -1.01
C GLY A 220 -6.87 -2.20 0.23
N ALA A 221 -6.24 -2.36 1.39
CA ALA A 221 -6.97 -2.52 2.63
C ALA A 221 -7.80 -1.26 2.87
N CYS A 222 -7.19 -0.11 2.60
CA CYS A 222 -7.84 1.18 2.75
C CYS A 222 -9.10 1.27 1.88
N ALA A 223 -8.93 0.99 0.59
CA ALA A 223 -10.04 1.05 -0.35
C ALA A 223 -11.18 0.10 0.01
N ALA A 224 -10.85 -1.12 0.41
CA ALA A 224 -11.87 -2.11 0.75
C ALA A 224 -12.71 -1.61 1.93
N VAL A 225 -12.05 -1.09 2.96
CA VAL A 225 -12.78 -0.58 4.11
C VAL A 225 -13.61 0.65 3.75
N ALA A 226 -13.04 1.52 2.91
CA ALA A 226 -13.75 2.72 2.52
C ALA A 226 -15.05 2.36 1.80
N VAL A 227 -14.95 1.40 0.88
CA VAL A 227 -16.11 0.97 0.11
C VAL A 227 -17.15 0.33 1.03
N GLY A 228 -16.69 -0.54 1.92
CA GLY A 228 -17.59 -1.21 2.84
C GLY A 228 -18.34 -0.24 3.74
N ILE A 229 -17.65 0.80 4.18
CA ILE A 229 -18.25 1.82 5.04
C ILE A 229 -19.27 2.60 4.22
N MET A 230 -18.89 2.96 3.00
CA MET A 230 -19.76 3.71 2.09
C MET A 230 -21.05 2.94 1.82
N GLN A 231 -20.95 1.61 1.74
CA GLN A 231 -22.12 0.77 1.47
C GLN A 231 -22.90 0.47 2.74
N GLY A 232 -22.38 0.91 3.88
CA GLY A 232 -23.07 0.67 5.14
C GLY A 232 -22.89 -0.74 5.70
N LEU A 233 -21.94 -1.49 5.15
CA LEU A 233 -21.69 -2.83 5.62
C LEU A 233 -20.59 -2.89 6.67
N LEU A 234 -19.90 -1.78 6.88
CA LEU A 234 -18.81 -1.76 7.86
C LEU A 234 -18.82 -0.55 8.79
N ASN A 235 -18.28 -0.73 9.99
CA ASN A 235 -18.20 0.36 10.95
C ASN A 235 -16.95 1.16 10.60
N ASN A 236 -16.71 2.24 11.34
CA ASN A 236 -15.60 3.12 11.06
C ASN A 236 -14.19 2.73 11.48
N ASN A 237 -14.05 1.60 12.16
CA ASN A 237 -12.75 1.12 12.60
C ASN A 237 -12.75 -0.37 12.23
N VAL A 238 -11.94 -0.75 11.26
CA VAL A 238 -11.94 -2.15 10.81
C VAL A 238 -10.59 -2.82 10.76
N GLN A 239 -10.56 -4.08 11.17
CA GLN A 239 -9.33 -4.87 11.11
C GLN A 239 -9.34 -5.58 9.75
N VAL A 240 -8.28 -5.40 8.98
CA VAL A 240 -8.20 -6.06 7.69
C VAL A 240 -7.15 -7.15 7.75
N ASP A 241 -7.53 -8.37 7.39
CA ASP A 241 -6.59 -9.49 7.39
C ASP A 241 -6.11 -9.79 5.98
N LEU A 242 -4.88 -9.38 5.69
CA LEU A 242 -4.29 -9.65 4.39
C LEU A 242 -3.53 -10.96 4.53
N PRO A 243 -3.05 -11.53 3.43
CA PRO A 243 -2.32 -12.80 3.57
C PRO A 243 -1.12 -12.64 4.50
N GLY A 244 -0.40 -11.53 4.36
CA GLY A 244 0.78 -11.27 5.19
C GLY A 244 0.49 -10.97 6.65
N GLY A 245 -0.65 -10.34 6.92
CA GLY A 245 -1.01 -10.00 8.28
C GLY A 245 -2.18 -9.05 8.39
N SER A 246 -2.32 -8.39 9.53
CA SER A 246 -3.42 -7.48 9.75
C SER A 246 -3.09 -5.99 9.83
N LEU A 247 -4.07 -5.18 9.44
CA LEU A 247 -3.95 -3.73 9.47
C LEU A 247 -5.23 -3.19 10.10
N MET A 248 -5.15 -2.03 10.72
CA MET A 248 -6.33 -1.42 11.30
C MET A 248 -6.64 -0.18 10.46
N ILE A 249 -7.88 -0.09 9.98
CA ILE A 249 -8.28 1.06 9.17
C ILE A 249 -9.35 1.89 9.88
N GLU A 250 -9.17 3.21 9.87
CA GLU A 250 -10.12 4.11 10.51
C GLU A 250 -10.55 5.22 9.55
N TRP A 251 -11.85 5.36 9.34
CA TRP A 251 -12.38 6.41 8.46
C TRP A 251 -13.73 6.89 8.96
N ASN A 252 -13.83 8.20 9.22
CA ASN A 252 -15.07 8.77 9.71
C ASN A 252 -16.03 9.25 8.61
N GLY A 253 -15.76 8.88 7.36
CA GLY A 253 -16.67 9.26 6.30
C GLY A 253 -16.25 10.47 5.49
N VAL A 254 -17.09 10.86 4.54
CA VAL A 254 -16.78 11.99 3.66
C VAL A 254 -16.43 13.25 4.45
N GLY A 255 -15.40 13.94 3.98
CA GLY A 255 -14.92 15.14 4.64
C GLY A 255 -13.79 14.81 5.60
N HIS A 256 -13.53 13.51 5.78
CA HIS A 256 -12.48 13.06 6.70
C HIS A 256 -11.44 12.23 5.98
N PRO A 257 -10.19 12.28 6.47
CA PRO A 257 -9.15 11.49 5.81
C PRO A 257 -9.23 10.07 6.37
N LEU A 258 -8.69 9.11 5.65
CA LEU A 258 -8.69 7.72 6.08
C LEU A 258 -7.32 7.36 6.62
N TYR A 259 -7.27 6.67 7.75
CA TYR A 259 -6.00 6.27 8.36
C TYR A 259 -5.78 4.77 8.27
N MET A 260 -4.52 4.39 8.11
CA MET A 260 -4.11 2.99 8.02
C MET A 260 -3.05 2.79 9.10
N THR A 261 -3.27 1.84 10.00
CA THR A 261 -2.32 1.61 11.08
C THR A 261 -1.80 0.19 11.14
N GLY A 262 -0.48 0.07 11.30
CA GLY A 262 0.13 -1.24 11.36
C GLY A 262 1.53 -1.20 11.95
N GLU A 263 2.14 -2.38 12.00
CA GLU A 263 3.49 -2.51 12.55
C GLU A 263 4.61 -2.45 11.52
N ALA A 264 5.81 -2.22 12.01
CA ALA A 264 7.04 -2.18 11.23
C ALA A 264 8.10 -2.71 12.20
N THR A 265 8.90 -3.67 11.77
CA THR A 265 9.89 -4.25 12.66
C THR A 265 11.32 -4.17 12.17
N HIS A 266 12.20 -3.67 13.02
CA HIS A 266 13.61 -3.58 12.68
C HIS A 266 14.23 -4.94 12.99
N ILE A 267 15.03 -5.46 12.06
CA ILE A 267 15.64 -6.77 12.26
C ILE A 267 17.13 -6.70 12.62
N TYR A 268 17.92 -6.05 11.76
CA TYR A 268 19.35 -5.89 12.01
C TYR A 268 19.93 -4.76 11.15
N ASP A 269 21.16 -4.36 11.46
CA ASP A 269 21.86 -3.32 10.70
C ASP A 269 23.00 -3.98 9.94
N GLY A 270 23.25 -3.51 8.73
CA GLY A 270 24.32 -4.10 7.96
C GLY A 270 25.25 -3.10 7.34
N PHE A 271 26.39 -3.60 6.90
CA PHE A 271 27.41 -2.80 6.23
C PHE A 271 27.87 -3.61 5.04
N ILE A 272 27.84 -2.99 3.87
CA ILE A 272 28.26 -3.68 2.66
C ILE A 272 28.94 -2.68 1.75
N THR A 273 30.07 -3.07 1.16
CA THR A 273 30.75 -2.17 0.26
C THR A 273 30.34 -2.64 -1.14
N LEU A 274 29.76 -1.75 -1.92
CA LEU A 274 29.30 -2.09 -3.25
C LEU A 274 30.44 -2.03 -4.27
O1 TLA B . 4.16 -4.71 2.68
O11 TLA B . 3.15 -4.73 4.64
C1 TLA B . 3.78 -4.09 3.72
C2 TLA B . 4.05 -2.60 3.88
O2 TLA B . 4.75 -2.00 2.78
C3 TLA B . 4.85 -2.37 5.23
O3 TLA B . 6.10 -3.09 5.27
C4 TLA B . 5.19 -0.89 5.48
O4 TLA B . 6.36 -0.55 5.67
O41 TLA B . 4.27 -0.07 5.49
C ACY C . -22.64 1.02 -13.61
O ACY C . -21.84 0.15 -14.04
OXT ACY C . -22.53 2.27 -13.80
CH3 ACY C . -23.80 0.49 -12.81
C ACY D . 7.66 20.55 8.22
O ACY D . 8.52 20.86 7.36
OXT ACY D . 7.67 20.92 9.48
CH3 ACY D . 6.53 19.68 7.74
#